data_3M4X
#
_entry.id   3M4X
#
_cell.length_a   98.556
_cell.length_b   98.556
_cell.length_c   106.061
_cell.angle_alpha   90.00
_cell.angle_beta   90.00
_cell.angle_gamma   90.00
#
_symmetry.space_group_name_H-M   'P 41 21 2'
#
loop_
_entity.id
_entity.type
_entity.pdbx_description
1 polymer 'NOL1/NOP2/sun family protein'
2 water water
#
_entity_poly.entity_id   1
_entity_poly.type   'polypeptide(L)'
_entity_poly.pdbx_seq_one_letter_code
;(MSE)KEEATTLPQQFIKKYRLLLGEEASDFFSALEQGSVKKGFRWNPLKPAGLD(MSE)VQTYHSEELQPAPYSNEGFL
GTVNGKSFLHQAGYEYSQEPSA(MSE)IVGTAAAAKPGEKVLDLCAAPGGKSTQLAAQ(MSE)KGKGLLVTNEIFPKRAK
ILSENIERWGVSNAIVTNHAPAELVPHFSGFFDRIVVDAPCSGEG(MSE)FRKDPNAIKEWTEESPLYCQKRQQEILSSA
IK(MSE)LKNKGQLIYSTCTFAPEENEEIISWLVENYPVTIEEIPLTQSVSSGRSEWGSVAGLEKTIRIWPHKDQGEGHF
VAKLTFHGQNQ(MSE)HKEKKTRKKSKVQ(MSE)TKEQEKLWTEFSNDFHYEATGRLLVFNDHLWEVPELAPSLDGLKVV
RTGLHLGDFKKNRFEPSYALALATKKIENIPCLPITQKEWQSYTAGETFQRDGNQGWVLLVLDKIPVGFGKQVKGTVKNF
FPKGLRFH
;
_entity_poly.pdbx_strand_id   A
#
# COMPACT_ATOMS: atom_id res chain seq x y z
N THR A 7 -13.89 23.27 16.32
CA THR A 7 -12.83 24.11 16.88
C THR A 7 -11.69 24.38 15.90
N LEU A 8 -11.99 25.08 14.80
CA LEU A 8 -10.96 25.43 13.83
C LEU A 8 -10.03 26.52 14.37
N PRO A 9 -8.75 26.51 13.94
CA PRO A 9 -7.79 27.57 14.28
C PRO A 9 -8.15 28.89 13.61
N GLN A 10 -8.12 29.98 14.38
CA GLN A 10 -8.50 31.30 13.88
C GLN A 10 -7.77 31.65 12.60
N GLN A 11 -6.48 31.37 12.55
CA GLN A 11 -5.66 31.73 11.38
C GLN A 11 -6.08 30.98 10.13
N PHE A 12 -6.52 29.74 10.33
CA PHE A 12 -7.02 28.87 9.28
C PHE A 12 -8.35 29.40 8.74
N ILE A 13 -9.24 29.74 9.66
CA ILE A 13 -10.54 30.34 9.33
C ILE A 13 -10.40 31.61 8.48
N LYS A 14 -9.49 32.51 8.85
CA LYS A 14 -9.24 33.71 8.05
C LYS A 14 -8.67 33.36 6.67
N LYS A 15 -7.69 32.47 6.65
CA LYS A 15 -7.03 32.11 5.39
C LYS A 15 -8.08 31.65 4.38
N TYR A 16 -8.93 30.72 4.81
CA TYR A 16 -9.89 30.09 3.93
C TYR A 16 -11.19 30.88 3.69
N ARG A 17 -11.50 31.81 4.59
CA ARG A 17 -12.51 32.82 4.31
C ARG A 17 -12.10 33.61 3.06
N LEU A 18 -10.88 34.11 3.06
CA LEU A 18 -10.37 34.83 1.89
C LEU A 18 -10.24 33.97 0.63
N LEU A 19 -9.75 32.74 0.77
CA LEU A 19 -9.52 31.86 -0.39
C LEU A 19 -10.82 31.42 -1.02
N LEU A 20 -11.81 31.09 -0.19
CA LEU A 20 -13.04 30.44 -0.65
C LEU A 20 -14.21 31.40 -0.89
N GLY A 21 -14.15 32.58 -0.27
CA GLY A 21 -15.25 33.52 -0.36
C GLY A 21 -16.47 33.00 0.39
N GLU A 22 -17.61 32.93 -0.28
CA GLU A 22 -18.84 32.58 0.40
C GLU A 22 -18.94 31.08 0.58
N GLU A 23 -18.17 30.36 -0.24
CA GLU A 23 -18.09 28.92 -0.16
C GLU A 23 -17.53 28.51 1.20
N ALA A 24 -16.79 29.43 1.81
CA ALA A 24 -16.09 29.14 3.07
C ALA A 24 -17.02 28.57 4.15
N SER A 25 -18.24 29.09 4.21
CA SER A 25 -19.22 28.66 5.22
C SER A 25 -19.56 27.18 5.16
N ASP A 26 -19.87 26.69 3.96
CA ASP A 26 -20.15 25.27 3.78
C ASP A 26 -18.93 24.44 4.17
N PHE A 27 -17.76 24.96 3.87
CA PHE A 27 -16.49 24.29 4.13
C PHE A 27 -16.25 24.10 5.62
N PHE A 28 -16.39 25.18 6.39
CA PHE A 28 -16.20 25.11 7.84
C PHE A 28 -17.28 24.26 8.46
N SER A 29 -18.48 24.38 7.91
CA SER A 29 -19.65 23.66 8.41
C SER A 29 -19.46 22.15 8.17
N ALA A 30 -18.79 21.80 7.08
CA ALA A 30 -18.47 20.40 6.82
C ALA A 30 -17.43 19.97 7.83
N LEU A 31 -16.45 20.84 8.08
CA LEU A 31 -15.33 20.52 8.96
C LEU A 31 -15.78 20.31 10.40
N GLU A 32 -16.73 21.12 10.87
CA GLU A 32 -17.13 21.06 12.27
C GLU A 32 -18.36 20.20 12.58
N GLN A 33 -19.22 19.97 11.59
CA GLN A 33 -20.41 19.16 11.86
C GLN A 33 -20.46 17.84 11.09
N GLY A 34 -19.59 17.69 10.10
CA GLY A 34 -19.68 16.55 9.22
C GLY A 34 -19.11 15.28 9.80
N SER A 35 -19.38 14.16 9.14
CA SER A 35 -18.89 12.87 9.58
C SER A 35 -17.64 12.42 8.85
N VAL A 36 -16.66 11.92 9.59
CA VAL A 36 -15.50 11.27 8.96
C VAL A 36 -15.94 10.02 8.19
N LYS A 37 -15.58 9.98 6.92
CA LYS A 37 -15.94 8.87 6.04
C LYS A 37 -15.01 7.68 6.26
N LYS A 38 -15.58 6.47 6.20
CA LYS A 38 -14.79 5.28 6.43
C LYS A 38 -14.97 4.29 5.27
N GLY A 39 -13.89 3.61 4.90
CA GLY A 39 -13.92 2.71 3.77
C GLY A 39 -12.87 1.62 3.83
N PHE A 40 -12.96 0.67 2.92
CA PHE A 40 -11.97 -0.38 2.80
C PHE A 40 -12.05 -0.93 1.39
N ARG A 41 -11.07 -1.74 1.02
CA ARG A 41 -11.02 -2.37 -0.29
C ARG A 41 -10.89 -3.89 -0.18
N TRP A 42 -11.50 -4.57 -1.15
CA TRP A 42 -11.26 -5.98 -1.34
C TRP A 42 -10.00 -6.17 -2.21
N ASN A 43 -9.56 -7.42 -2.30
CA ASN A 43 -8.24 -7.74 -2.81
C ASN A 43 -8.29 -8.71 -4.00
N PRO A 44 -8.08 -8.18 -5.21
CA PRO A 44 -8.09 -8.96 -6.46
C PRO A 44 -6.91 -9.92 -6.54
N LEU A 45 -5.92 -9.73 -5.68
CA LEU A 45 -4.81 -10.68 -5.61
C LEU A 45 -5.20 -12.01 -4.97
N LYS A 46 -6.30 -12.01 -4.21
CA LYS A 46 -6.71 -13.19 -3.45
C LYS A 46 -7.67 -14.11 -4.21
N PRO A 47 -7.60 -15.42 -3.93
CA PRO A 47 -8.61 -16.36 -4.45
C PRO A 47 -10.01 -15.93 -4.06
N ALA A 48 -10.90 -15.70 -5.02
CA ALA A 48 -12.28 -15.28 -4.72
C ALA A 48 -12.34 -14.08 -3.79
N GLY A 49 -11.48 -13.09 -4.01
CA GLY A 49 -11.42 -11.96 -3.11
C GLY A 49 -12.76 -11.29 -2.89
N LEU A 50 -13.43 -10.92 -3.97
CA LEU A 50 -14.70 -10.21 -3.86
C LEU A 50 -15.80 -11.12 -3.33
N ASP A 51 -15.88 -12.33 -3.86
CA ASP A 51 -16.92 -13.27 -3.42
C ASP A 51 -16.82 -13.48 -1.91
N VAL A 53 -15.67 -11.46 0.35
CA VAL A 53 -16.12 -10.27 1.05
C VAL A 53 -17.65 -10.13 1.02
N GLN A 54 -18.24 -10.49 -0.12
CA GLN A 54 -19.69 -10.38 -0.27
C GLN A 54 -20.39 -11.33 0.67
N THR A 55 -19.78 -12.49 0.86
CA THR A 55 -20.34 -13.56 1.67
C THR A 55 -20.18 -13.32 3.18
N TYR A 56 -18.96 -13.02 3.62
CA TYR A 56 -18.66 -12.93 5.05
C TYR A 56 -18.66 -11.52 5.64
N HIS A 57 -18.69 -10.51 4.78
CA HIS A 57 -18.90 -9.14 5.22
C HIS A 57 -20.36 -8.76 4.94
N SER A 58 -20.70 -8.61 3.66
CA SER A 58 -22.03 -8.17 3.21
C SER A 58 -22.13 -8.01 1.68
N GLU A 59 -23.25 -8.46 1.12
CA GLU A 59 -23.53 -8.25 -0.31
C GLU A 59 -24.38 -6.98 -0.49
N GLU A 60 -24.52 -6.21 0.59
CA GLU A 60 -25.32 -5.01 0.58
C GLU A 60 -24.48 -3.74 0.64
N LEU A 61 -23.27 -3.85 1.19
CA LEU A 61 -22.41 -2.67 1.41
C LEU A 61 -22.30 -1.81 0.16
N GLN A 62 -22.21 -0.50 0.36
CA GLN A 62 -22.20 0.46 -0.74
C GLN A 62 -20.79 0.69 -1.29
N PRO A 63 -20.67 0.81 -2.61
CA PRO A 63 -19.38 1.00 -3.27
C PRO A 63 -18.78 2.34 -2.87
N ALA A 64 -17.46 2.41 -2.78
CA ALA A 64 -16.78 3.69 -2.57
C ALA A 64 -16.64 4.46 -3.89
N PRO A 65 -16.63 5.80 -3.81
CA PRO A 65 -16.64 6.65 -5.01
C PRO A 65 -15.35 6.61 -5.82
N TYR A 66 -14.22 6.38 -5.16
CA TYR A 66 -12.93 6.61 -5.82
C TYR A 66 -12.05 5.38 -6.01
N SER A 67 -12.62 4.18 -5.91
CA SER A 67 -11.89 2.98 -6.34
C SER A 67 -12.81 1.85 -6.76
N ASN A 68 -12.45 1.19 -7.86
CA ASN A 68 -13.09 -0.01 -8.38
C ASN A 68 -13.28 -1.14 -7.37
N GLU A 69 -12.52 -1.11 -6.30
CA GLU A 69 -12.50 -2.23 -5.34
C GLU A 69 -12.84 -1.75 -3.93
N GLY A 70 -13.38 -0.55 -3.85
CA GLY A 70 -13.69 0.07 -2.57
C GLY A 70 -15.15 -0.04 -2.17
N PHE A 71 -15.36 -0.08 -0.86
CA PHE A 71 -16.66 -0.14 -0.23
C PHE A 71 -16.68 0.88 0.89
N LEU A 72 -17.85 1.44 1.16
CA LEU A 72 -17.99 2.30 2.33
C LEU A 72 -18.23 1.42 3.55
N GLY A 73 -17.46 1.66 4.60
CA GLY A 73 -17.67 0.93 5.83
C GLY A 73 -16.39 0.70 6.62
N THR A 74 -16.49 -0.14 7.64
CA THR A 74 -15.40 -0.39 8.55
C THR A 74 -15.02 -1.87 8.51
N VAL A 75 -13.81 -2.18 8.98
CA VAL A 75 -13.30 -3.54 8.99
C VAL A 75 -13.19 -4.12 10.39
N ASN A 76 -13.65 -5.35 10.56
CA ASN A 76 -13.40 -6.11 11.80
C ASN A 76 -11.94 -6.57 11.82
N GLY A 77 -11.11 -5.84 12.55
CA GLY A 77 -9.69 -6.06 12.59
C GLY A 77 -9.31 -7.40 13.19
N LYS A 78 -10.26 -8.04 13.88
CA LYS A 78 -9.99 -9.30 14.55
C LYS A 78 -10.70 -10.46 13.87
N SER A 79 -11.33 -10.25 12.73
CA SER A 79 -11.89 -11.39 12.03
C SER A 79 -11.02 -11.86 10.87
N PHE A 80 -11.51 -12.87 10.14
CA PHE A 80 -10.67 -13.61 9.21
C PHE A 80 -10.49 -12.94 7.85
N LEU A 81 -11.49 -12.17 7.39
CA LEU A 81 -11.31 -11.45 6.13
C LEU A 81 -10.16 -10.45 6.25
N HIS A 82 -10.03 -9.83 7.42
CA HIS A 82 -8.94 -8.91 7.64
C HIS A 82 -7.62 -9.62 7.86
N GLN A 83 -7.61 -10.63 8.73
CA GLN A 83 -6.39 -11.40 9.02
C GLN A 83 -5.73 -11.94 7.74
N ALA A 84 -6.55 -12.45 6.83
CA ALA A 84 -6.05 -13.10 5.62
C ALA A 84 -5.82 -12.14 4.47
N GLY A 85 -5.99 -10.85 4.72
CA GLY A 85 -5.72 -9.83 3.71
C GLY A 85 -6.80 -9.61 2.67
N TYR A 86 -8.05 -9.93 2.99
CA TYR A 86 -9.14 -9.78 2.04
C TYR A 86 -9.75 -8.39 2.14
N GLU A 87 -9.30 -7.63 3.12
CA GLU A 87 -9.79 -6.27 3.31
C GLU A 87 -8.67 -5.40 3.78
N TYR A 88 -8.61 -4.20 3.22
CA TYR A 88 -7.69 -3.17 3.66
C TYR A 88 -8.52 -1.93 3.95
N SER A 89 -8.50 -1.45 5.18
CA SER A 89 -9.25 -0.24 5.50
C SER A 89 -8.46 0.98 5.05
N GLN A 90 -9.16 1.90 4.39
CA GLN A 90 -8.55 3.09 3.79
C GLN A 90 -9.64 4.14 3.66
N GLU A 91 -9.34 5.38 4.04
CA GLU A 91 -10.39 6.40 3.99
C GLU A 91 -10.70 6.73 2.54
N PRO A 92 -11.99 6.96 2.24
CA PRO A 92 -12.50 7.09 0.87
C PRO A 92 -11.79 8.07 -0.07
N SER A 93 -11.44 9.27 0.39
CA SER A 93 -10.76 10.18 -0.51
C SER A 93 -9.31 9.78 -0.75
N ALA A 94 -8.70 9.14 0.24
CA ALA A 94 -7.32 8.67 0.10
C ALA A 94 -7.21 7.65 -1.05
N ILE A 96 -8.28 7.86 -3.85
CA ILE A 96 -8.17 8.56 -5.14
C ILE A 96 -6.73 8.49 -5.65
N VAL A 97 -5.79 8.46 -4.72
CA VAL A 97 -4.39 8.56 -5.08
C VAL A 97 -3.94 7.31 -5.84
N GLY A 98 -4.21 6.14 -5.25
CA GLY A 98 -3.91 4.88 -5.90
C GLY A 98 -4.64 4.71 -7.21
N THR A 99 -5.86 5.22 -7.26
CA THR A 99 -6.63 5.10 -8.49
C THR A 99 -6.03 5.98 -9.59
N ALA A 100 -5.67 7.21 -9.25
CA ALA A 100 -5.01 8.12 -10.19
C ALA A 100 -3.74 7.51 -10.75
N ALA A 101 -3.00 6.80 -9.90
CA ALA A 101 -1.71 6.25 -10.26
C ALA A 101 -1.81 5.21 -11.37
N ALA A 102 -2.89 4.43 -11.36
CA ALA A 102 -3.10 3.37 -12.35
C ALA A 102 -1.79 2.66 -12.79
N ALA A 103 -1.14 2.04 -11.83
CA ALA A 103 0.03 1.21 -12.11
C ALA A 103 -0.38 0.07 -13.06
N LYS A 104 0.56 -0.37 -13.88
CA LYS A 104 0.30 -1.45 -14.82
C LYS A 104 1.15 -2.66 -14.48
N PRO A 105 0.59 -3.86 -14.68
CA PRO A 105 1.38 -5.10 -14.57
C PRO A 105 2.69 -4.97 -15.31
N GLY A 106 3.80 -5.25 -14.63
CA GLY A 106 5.10 -5.25 -15.29
C GLY A 106 5.91 -3.97 -15.14
N GLU A 107 5.29 -2.91 -14.61
CA GLU A 107 5.99 -1.65 -14.42
C GLU A 107 6.94 -1.74 -13.23
N LYS A 108 7.95 -0.87 -13.23
CA LYS A 108 8.71 -0.61 -12.03
C LYS A 108 8.07 0.60 -11.32
N VAL A 109 7.61 0.37 -10.09
CA VAL A 109 6.78 1.38 -9.42
C VAL A 109 7.34 1.71 -8.04
N LEU A 110 7.37 2.99 -7.71
CA LEU A 110 7.87 3.43 -6.41
C LEU A 110 6.75 4.12 -5.63
N ASP A 111 6.54 3.69 -4.39
CA ASP A 111 5.71 4.40 -3.43
C ASP A 111 6.68 5.01 -2.43
N LEU A 112 6.93 6.31 -2.56
CA LEU A 112 8.05 6.94 -1.87
C LEU A 112 7.81 7.24 -0.38
N CYS A 113 6.59 7.65 -0.03
CA CYS A 113 6.23 7.86 1.37
C CYS A 113 5.04 6.98 1.73
N ALA A 114 5.33 5.74 2.12
CA ALA A 114 4.36 4.66 1.90
C ALA A 114 3.47 4.19 3.05
N ALA A 115 3.93 4.32 4.29
CA ALA A 115 3.12 3.92 5.46
C ALA A 115 1.81 4.73 5.55
N PRO A 116 0.74 4.08 6.00
CA PRO A 116 0.63 2.71 6.50
C PRO A 116 0.62 1.62 5.42
N GLY A 117 0.32 2.00 4.18
CA GLY A 117 0.38 1.08 3.05
C GLY A 117 -0.91 1.10 2.23
N GLY A 118 -1.76 2.07 2.47
CA GLY A 118 -3.00 2.23 1.71
C GLY A 118 -2.77 2.28 0.22
N LYS A 119 -1.84 3.12 -0.23
CA LYS A 119 -1.59 3.24 -1.66
C LYS A 119 -0.76 2.11 -2.27
N SER A 120 0.24 1.60 -1.54
CA SER A 120 1.11 0.58 -2.10
C SER A 120 0.24 -0.59 -2.40
N THR A 121 -0.74 -0.75 -1.53
CA THR A 121 -1.58 -1.92 -1.52
C THR A 121 -2.55 -1.84 -2.71
N GLN A 122 -3.02 -0.65 -3.06
CA GLN A 122 -3.80 -0.55 -4.31
C GLN A 122 -2.93 -0.68 -5.57
N LEU A 123 -1.68 -0.24 -5.50
CA LEU A 123 -0.78 -0.39 -6.64
C LEU A 123 -0.50 -1.86 -6.91
N ALA A 124 -0.22 -2.59 -5.86
CA ALA A 124 0.05 -4.01 -5.97
C ALA A 124 -1.16 -4.75 -6.55
N ALA A 125 -2.37 -4.34 -6.15
CA ALA A 125 -3.57 -4.98 -6.68
C ALA A 125 -3.61 -4.73 -8.18
N GLN A 126 -3.19 -3.53 -8.58
CA GLN A 126 -3.20 -3.14 -9.99
C GLN A 126 -2.17 -3.94 -10.80
N LYS A 128 -0.94 -6.99 -10.25
CA LYS A 128 -1.25 -8.42 -10.37
C LYS A 128 -0.02 -9.30 -10.25
N GLY A 129 0.89 -8.91 -9.35
CA GLY A 129 2.09 -9.68 -9.08
C GLY A 129 3.17 -9.56 -10.15
N LYS A 130 2.93 -8.77 -11.18
CA LYS A 130 3.94 -8.52 -12.23
C LYS A 130 4.67 -7.20 -12.05
N GLY A 131 5.94 -7.20 -12.43
CA GLY A 131 6.77 -6.03 -12.29
C GLY A 131 7.40 -5.95 -10.93
N LEU A 132 7.78 -4.74 -10.52
CA LEU A 132 8.47 -4.54 -9.26
C LEU A 132 7.91 -3.34 -8.53
N LEU A 133 7.48 -3.55 -7.29
CA LEU A 133 6.93 -2.48 -6.48
C LEU A 133 7.93 -2.20 -5.39
N VAL A 134 8.58 -1.05 -5.41
CA VAL A 134 9.35 -0.70 -4.22
C VAL A 134 8.60 0.32 -3.35
N THR A 135 8.51 -0.01 -2.08
CA THR A 135 7.67 0.72 -1.15
C THR A 135 8.56 1.18 -0.04
N ASN A 136 8.74 2.48 0.05
CA ASN A 136 9.66 3.05 1.01
C ASN A 136 8.94 3.79 2.13
N GLU A 137 9.42 3.60 3.35
CA GLU A 137 8.93 4.35 4.50
C GLU A 137 10.15 4.84 5.29
N ILE A 138 10.12 6.10 5.74
CA ILE A 138 11.29 6.67 6.37
C ILE A 138 11.39 6.31 7.85
N PHE A 139 10.25 6.13 8.50
CA PHE A 139 10.25 5.70 9.90
C PHE A 139 10.33 4.18 10.03
N PRO A 140 11.39 3.69 10.70
CA PRO A 140 11.64 2.24 10.85
C PRO A 140 10.46 1.51 11.50
N LYS A 141 9.84 2.16 12.48
CA LYS A 141 8.67 1.62 13.16
C LYS A 141 7.53 1.47 12.18
N ARG A 142 7.31 2.49 11.36
CA ARG A 142 6.22 2.44 10.40
C ARG A 142 6.53 1.49 9.25
N ALA A 143 7.80 1.36 8.91
CA ALA A 143 8.19 0.46 7.83
C ALA A 143 7.81 -0.98 8.19
N LYS A 144 7.97 -1.31 9.47
CA LYS A 144 7.63 -2.64 9.98
C LYS A 144 6.16 -2.93 9.75
N ILE A 145 5.33 -1.94 10.07
CA ILE A 145 3.88 -1.98 9.88
C ILE A 145 3.58 -2.13 8.41
N LEU A 146 4.25 -1.31 7.61
CA LEU A 146 4.08 -1.38 6.17
C LEU A 146 4.45 -2.76 5.62
N SER A 147 5.58 -3.28 6.06
CA SER A 147 6.03 -4.60 5.66
C SER A 147 5.00 -5.68 6.04
N GLU A 148 4.44 -5.58 7.24
CA GLU A 148 3.45 -6.57 7.66
C GLU A 148 2.14 -6.49 6.87
N ASN A 149 1.75 -5.30 6.44
CA ASN A 149 0.55 -5.17 5.61
C ASN A 149 0.75 -5.70 4.18
N ILE A 150 1.93 -5.48 3.61
CA ILE A 150 2.26 -5.99 2.27
C ILE A 150 2.16 -7.52 2.28
N GLU A 151 2.79 -8.14 3.27
CA GLU A 151 2.70 -9.57 3.45
C GLU A 151 1.26 -10.06 3.63
N ARG A 152 0.47 -9.34 4.44
CA ARG A 152 -0.90 -9.75 4.70
C ARG A 152 -1.72 -9.75 3.42
N TRP A 153 -1.44 -8.74 2.59
CA TRP A 153 -2.15 -8.44 1.37
C TRP A 153 -1.76 -9.44 0.31
N GLY A 154 -0.70 -10.19 0.57
CA GLY A 154 -0.28 -11.24 -0.34
C GLY A 154 0.56 -10.78 -1.52
N VAL A 155 1.30 -9.69 -1.35
CA VAL A 155 2.11 -9.12 -2.43
C VAL A 155 3.41 -9.88 -2.54
N SER A 156 3.71 -10.38 -3.73
CA SER A 156 4.89 -11.20 -3.92
C SER A 156 6.03 -10.51 -4.65
N ASN A 157 5.77 -9.32 -5.21
CA ASN A 157 6.78 -8.63 -6.02
C ASN A 157 7.26 -7.28 -5.44
N ALA A 158 7.20 -7.15 -4.11
CA ALA A 158 7.56 -5.89 -3.49
C ALA A 158 8.90 -5.94 -2.75
N ILE A 159 9.63 -4.84 -2.81
CA ILE A 159 10.78 -4.63 -1.95
C ILE A 159 10.41 -3.51 -1.00
N VAL A 160 10.39 -3.79 0.30
CA VAL A 160 10.07 -2.75 1.28
C VAL A 160 11.35 -2.09 1.81
N THR A 161 11.41 -0.79 1.62
CA THR A 161 12.60 -0.01 1.89
C THR A 161 12.43 0.92 3.09
N ASN A 162 13.53 1.21 3.77
CA ASN A 162 13.51 2.06 4.96
C ASN A 162 14.50 3.21 4.83
N HIS A 163 14.19 4.17 3.97
CA HIS A 163 15.12 5.25 3.65
C HIS A 163 14.43 6.59 3.46
N ALA A 164 15.23 7.65 3.59
CA ALA A 164 14.85 8.96 3.12
C ALA A 164 14.98 8.96 1.61
N PRO A 165 14.11 9.70 0.92
CA PRO A 165 14.14 9.75 -0.55
C PRO A 165 15.54 9.86 -1.16
N ALA A 166 16.32 10.85 -0.72
CA ALA A 166 17.63 11.11 -1.33
C ALA A 166 18.56 9.90 -1.27
N GLU A 167 18.49 9.15 -0.18
CA GLU A 167 19.31 7.95 -0.03
C GLU A 167 19.04 6.91 -1.11
N LEU A 168 17.88 6.99 -1.76
CA LEU A 168 17.47 5.99 -2.73
C LEU A 168 18.01 6.30 -4.12
N VAL A 169 18.25 7.58 -4.38
CA VAL A 169 18.63 8.05 -5.69
C VAL A 169 19.82 7.30 -6.29
N PRO A 170 20.92 7.18 -5.54
CA PRO A 170 22.07 6.48 -6.14
C PRO A 170 21.68 5.09 -6.65
N HIS A 171 20.74 4.43 -5.97
CA HIS A 171 20.33 3.09 -6.35
C HIS A 171 19.29 3.02 -7.47
N PHE A 172 18.53 4.10 -7.66
CA PHE A 172 17.35 4.02 -8.51
C PHE A 172 17.24 5.17 -9.51
N SER A 173 18.34 5.86 -9.74
CA SER A 173 18.38 6.94 -10.71
C SER A 173 17.87 6.47 -12.06
N GLY A 174 16.88 7.18 -12.61
CA GLY A 174 16.24 6.83 -13.88
C GLY A 174 15.58 5.45 -13.98
N PHE A 175 15.22 4.87 -12.84
CA PHE A 175 14.81 3.45 -12.77
C PHE A 175 13.30 3.18 -13.02
N PHE A 176 12.44 4.02 -12.45
CA PHE A 176 11.02 3.73 -12.38
C PHE A 176 10.14 4.21 -13.52
N ASP A 177 9.16 3.40 -13.87
CA ASP A 177 8.07 3.83 -14.75
C ASP A 177 7.12 4.79 -14.05
N ARG A 178 7.04 4.71 -12.74
CA ARG A 178 5.93 5.32 -12.05
C ARG A 178 6.30 5.55 -10.61
N ILE A 179 6.06 6.78 -10.14
CA ILE A 179 6.35 7.10 -8.75
C ILE A 179 5.19 7.82 -8.09
N VAL A 180 4.81 7.36 -6.91
CA VAL A 180 3.76 7.97 -6.15
C VAL A 180 4.37 8.64 -4.93
N VAL A 181 4.13 9.94 -4.83
CA VAL A 181 4.59 10.74 -3.71
C VAL A 181 3.37 11.30 -2.96
N ASP A 182 2.99 10.61 -1.90
CA ASP A 182 1.94 11.10 -1.01
C ASP A 182 2.70 11.87 0.08
N ALA A 183 2.90 13.15 -0.17
CA ALA A 183 3.86 13.95 0.59
C ALA A 183 3.41 14.31 1.98
N PRO A 184 4.34 14.28 2.94
CA PRO A 184 4.01 14.84 4.25
C PRO A 184 3.52 16.24 3.99
N CYS A 185 2.44 16.64 4.66
CA CYS A 185 1.82 17.94 4.38
C CYS A 185 1.17 18.49 5.65
N SER A 186 0.57 19.68 5.56
CA SER A 186 0.04 20.35 6.76
C SER A 186 -1.14 19.64 7.43
N GLY A 187 -1.82 18.76 6.68
CA GLY A 187 -2.82 17.89 7.26
C GLY A 187 -4.15 18.53 7.60
N GLU A 188 -4.58 19.46 6.77
CA GLU A 188 -5.85 20.13 6.99
C GLU A 188 -7.00 19.22 6.58
N GLY A 189 -6.67 18.17 5.83
CA GLY A 189 -7.63 17.16 5.44
C GLY A 189 -7.78 16.13 6.53
N PHE A 191 -8.19 17.19 9.80
CA PHE A 191 -8.84 17.89 10.92
C PHE A 191 -10.02 17.13 11.56
N ARG A 192 -10.95 16.66 10.73
CA ARG A 192 -12.09 15.88 11.22
C ARG A 192 -11.64 14.58 11.89
N LYS A 193 -10.69 13.90 11.24
CA LYS A 193 -10.28 12.57 11.65
C LYS A 193 -9.33 12.59 12.86
N ASP A 194 -8.31 13.44 12.82
CA ASP A 194 -7.35 13.49 13.91
C ASP A 194 -7.27 14.86 14.57
N PRO A 195 -7.90 15.00 15.74
CA PRO A 195 -7.93 16.25 16.51
C PRO A 195 -6.55 16.77 16.91
N ASN A 196 -5.54 15.90 16.87
CA ASN A 196 -4.17 16.34 17.09
C ASN A 196 -3.69 17.17 15.91
N ALA A 197 -4.20 16.84 14.72
CA ALA A 197 -3.88 17.58 13.50
C ALA A 197 -4.20 19.07 13.62
N ILE A 198 -5.27 19.39 14.33
CA ILE A 198 -5.63 20.79 14.54
C ILE A 198 -4.61 21.44 15.47
N LYS A 199 -4.33 20.76 16.57
CA LYS A 199 -3.35 21.22 17.54
C LYS A 199 -2.00 21.54 16.91
N GLU A 200 -1.57 20.70 15.98
CA GLU A 200 -0.23 20.81 15.39
C GLU A 200 -0.17 21.82 14.24
N TRP A 201 -1.33 22.27 13.77
CA TRP A 201 -1.38 23.23 12.67
C TRP A 201 -0.99 24.64 13.12
N THR A 202 -0.13 25.30 12.35
CA THR A 202 0.14 26.72 12.55
C THR A 202 0.00 27.43 11.24
N GLU A 203 0.09 28.75 11.29
CA GLU A 203 -0.04 29.57 10.10
C GLU A 203 1.15 29.39 9.17
N GLU A 204 2.24 28.87 9.72
CA GLU A 204 3.47 28.70 8.95
C GLU A 204 3.64 27.30 8.38
N SER A 205 2.71 26.41 8.72
CA SER A 205 2.80 25.02 8.30
C SER A 205 2.79 24.84 6.79
N PRO A 206 1.90 25.54 6.09
CA PRO A 206 1.86 25.31 4.65
C PRO A 206 3.20 25.55 3.95
N LEU A 207 3.84 26.67 4.25
CA LEU A 207 5.11 27.02 3.60
C LEU A 207 6.26 26.13 4.08
N TYR A 208 6.27 25.80 5.36
CA TYR A 208 7.24 24.86 5.89
C TYR A 208 7.13 23.51 5.16
N CYS A 209 5.90 23.08 4.92
CA CYS A 209 5.64 21.82 4.26
C CYS A 209 5.97 21.91 2.77
N GLN A 210 5.67 23.07 2.19
CA GLN A 210 6.02 23.33 0.80
C GLN A 210 7.49 23.08 0.51
N LYS A 211 8.37 23.62 1.34
CA LYS A 211 9.81 23.43 1.15
C LYS A 211 10.22 21.96 1.26
N ARG A 212 9.61 21.24 2.19
CA ARG A 212 9.94 19.83 2.34
C ARG A 212 9.43 19.05 1.14
N GLN A 213 8.27 19.45 0.64
CA GLN A 213 7.70 18.79 -0.53
C GLN A 213 8.67 18.90 -1.71
N GLN A 214 9.25 20.08 -1.87
CA GLN A 214 10.17 20.34 -2.96
C GLN A 214 11.41 19.48 -2.85
N GLU A 215 11.90 19.29 -1.63
CA GLU A 215 13.07 18.45 -1.41
C GLU A 215 12.81 16.98 -1.74
N ILE A 216 11.65 16.48 -1.32
CA ILE A 216 11.27 15.11 -1.57
C ILE A 216 11.16 14.90 -3.08
N LEU A 217 10.49 15.84 -3.75
CA LEU A 217 10.24 15.77 -5.19
C LEU A 217 11.48 15.92 -6.05
N SER A 218 12.48 16.64 -5.55
CA SER A 218 13.70 16.84 -6.32
C SER A 218 14.47 15.52 -6.36
N SER A 219 14.31 14.72 -5.31
CA SER A 219 14.87 13.37 -5.33
C SER A 219 14.03 12.45 -6.22
N ALA A 220 12.70 12.53 -6.07
CA ALA A 220 11.79 11.65 -6.80
C ALA A 220 12.03 11.74 -8.29
N ILE A 221 12.08 12.96 -8.80
CA ILE A 221 12.18 13.16 -10.24
C ILE A 221 13.42 12.52 -10.85
N LYS A 222 14.49 12.43 -10.07
CA LYS A 222 15.70 11.77 -10.55
C LYS A 222 15.51 10.25 -10.77
N LEU A 224 12.94 8.77 -12.14
CA LEU A 224 11.96 8.54 -13.19
C LEU A 224 12.65 8.16 -14.50
N LYS A 225 12.08 7.20 -15.23
CA LYS A 225 12.55 6.91 -16.57
C LYS A 225 12.07 8.02 -17.47
N ASN A 226 12.60 8.10 -18.67
CA ASN A 226 12.02 8.96 -19.68
C ASN A 226 10.57 8.52 -19.91
N LYS A 227 9.65 9.49 -19.85
CA LYS A 227 8.21 9.28 -20.00
C LYS A 227 7.59 8.53 -18.80
N GLY A 228 8.37 8.42 -17.73
CA GLY A 228 7.87 7.88 -16.49
C GLY A 228 6.83 8.84 -15.93
N GLN A 229 5.98 8.32 -15.04
CA GLN A 229 4.90 9.13 -14.52
C GLN A 229 5.06 9.37 -13.04
N LEU A 230 4.71 10.58 -12.64
CA LEU A 230 4.79 11.01 -11.27
C LEU A 230 3.39 11.36 -10.80
N ILE A 231 2.97 10.73 -9.72
CA ILE A 231 1.72 11.07 -9.08
C ILE A 231 2.03 11.75 -7.74
N TYR A 232 1.57 12.99 -7.58
CA TYR A 232 1.77 13.76 -6.35
C TYR A 232 0.46 13.97 -5.61
N SER A 233 0.49 13.79 -4.29
CA SER A 233 -0.74 13.92 -3.53
C SER A 233 -0.49 14.44 -2.13
N THR A 234 -1.57 14.94 -1.54
CA THR A 234 -1.48 15.60 -0.27
C THR A 234 -2.83 15.48 0.42
N CYS A 235 -2.85 15.48 1.74
CA CYS A 235 -4.11 15.50 2.47
C CYS A 235 -4.34 16.86 3.12
N THR A 236 -4.08 17.91 2.37
CA THR A 236 -4.24 19.26 2.87
C THR A 236 -4.87 20.09 1.77
N PHE A 237 -5.41 21.24 2.15
CA PHE A 237 -6.11 22.10 1.20
C PHE A 237 -5.22 23.25 0.70
N ALA A 238 -4.12 23.51 1.39
CA ALA A 238 -3.32 24.71 1.09
C ALA A 238 -2.81 24.76 -0.35
N PRO A 239 -3.05 25.89 -1.02
CA PRO A 239 -2.44 26.15 -2.33
C PRO A 239 -0.93 25.97 -2.25
N GLU A 240 -0.32 26.41 -1.15
CA GLU A 240 1.14 26.38 -1.03
C GLU A 240 1.68 24.96 -1.22
N GLU A 241 0.88 23.95 -0.88
CA GLU A 241 1.31 22.56 -0.97
C GLU A 241 0.74 21.79 -2.17
N ASN A 242 -0.18 22.42 -2.87
CA ASN A 242 -0.86 21.78 -3.99
C ASN A 242 -0.54 22.47 -5.32
N GLU A 243 -1.38 23.43 -5.73
CA GLU A 243 -1.16 24.10 -7.02
C GLU A 243 0.22 24.76 -7.13
N GLU A 244 0.76 25.25 -6.02
CA GLU A 244 2.05 25.95 -6.10
C GLU A 244 3.19 24.95 -6.27
N ILE A 245 3.06 23.78 -5.64
CA ILE A 245 3.99 22.67 -5.85
C ILE A 245 3.99 22.17 -7.31
N ILE A 246 2.80 22.00 -7.89
CA ILE A 246 2.69 21.61 -9.30
C ILE A 246 3.26 22.67 -10.27
N SER A 247 3.06 23.94 -9.96
CA SER A 247 3.62 25.01 -10.77
C SER A 247 5.13 24.94 -10.71
N TRP A 248 5.64 24.87 -9.49
CA TRP A 248 7.06 24.73 -9.25
C TRP A 248 7.65 23.54 -10.05
N LEU A 249 6.96 22.40 -10.02
CA LEU A 249 7.38 21.25 -10.83
C LEU A 249 7.46 21.59 -12.31
N VAL A 250 6.38 22.18 -12.82
CA VAL A 250 6.29 22.53 -14.25
C VAL A 250 7.31 23.59 -14.66
N GLU A 251 7.65 24.49 -13.74
CA GLU A 251 8.60 25.54 -14.05
C GLU A 251 10.05 25.06 -14.03
N ASN A 252 10.33 24.06 -13.20
CA ASN A 252 11.71 23.67 -12.98
C ASN A 252 12.11 22.33 -13.59
N TYR A 253 11.13 21.65 -14.19
CA TYR A 253 11.39 20.34 -14.78
C TYR A 253 10.63 20.12 -16.08
N PRO A 254 11.22 19.31 -16.97
CA PRO A 254 10.50 18.97 -18.21
C PRO A 254 9.34 18.00 -17.94
N VAL A 255 8.32 18.48 -17.25
CA VAL A 255 7.15 17.65 -16.93
C VAL A 255 5.84 18.27 -17.47
N THR A 256 4.91 17.41 -17.86
CA THR A 256 3.63 17.86 -18.35
C THR A 256 2.54 17.40 -17.39
N ILE A 257 1.57 18.28 -17.14
CA ILE A 257 0.40 17.92 -16.34
C ILE A 257 -0.52 17.03 -17.18
N GLU A 258 -0.99 15.95 -16.59
CA GLU A 258 -1.75 14.96 -17.33
C GLU A 258 -3.17 14.80 -16.78
N GLU A 259 -4.06 14.31 -17.63
CA GLU A 259 -5.43 14.04 -17.21
C GLU A 259 -5.51 12.79 -16.37
N ILE A 260 -6.44 12.79 -15.41
CA ILE A 260 -6.70 11.64 -14.57
C ILE A 260 -8.13 11.19 -14.83
N PRO A 261 -8.30 10.23 -15.75
CA PRO A 261 -9.67 9.81 -16.09
C PRO A 261 -10.40 9.26 -14.87
N LEU A 262 -11.62 9.72 -14.67
CA LEU A 262 -12.47 9.21 -13.58
C LEU A 262 -13.93 9.17 -13.98
N THR A 263 -14.67 8.24 -13.39
CA THR A 263 -16.11 8.16 -13.58
C THR A 263 -16.75 9.14 -12.61
N GLN A 264 -16.35 9.05 -11.35
CA GLN A 264 -16.83 9.96 -10.32
C GLN A 264 -16.36 11.39 -10.58
N SER A 265 -17.29 12.32 -10.70
CA SER A 265 -16.92 13.72 -10.87
C SER A 265 -16.34 14.26 -9.57
N VAL A 266 -15.45 15.24 -9.69
CA VAL A 266 -14.75 15.76 -8.53
C VAL A 266 -14.43 17.20 -8.77
N SER A 267 -13.97 17.87 -7.73
CA SER A 267 -13.46 19.23 -7.86
C SER A 267 -12.06 19.21 -8.49
N SER A 268 -11.58 20.37 -8.88
CA SER A 268 -10.35 20.45 -9.65
C SER A 268 -9.40 21.45 -9.01
N GLY A 269 -8.12 21.36 -9.33
CA GLY A 269 -7.18 22.39 -8.91
C GLY A 269 -7.61 23.73 -9.50
N ARG A 270 -7.22 24.82 -8.86
CA ARG A 270 -7.64 26.15 -9.29
C ARG A 270 -6.50 26.92 -9.93
N SER A 271 -6.64 27.28 -11.20
CA SER A 271 -5.56 27.96 -11.89
C SER A 271 -5.10 29.21 -11.15
N GLU A 272 -6.04 29.93 -10.54
CA GLU A 272 -5.68 31.16 -9.82
C GLU A 272 -4.83 30.90 -8.59
N TRP A 273 -4.76 29.65 -8.14
CA TRP A 273 -3.88 29.32 -7.03
C TRP A 273 -2.47 28.86 -7.45
N GLY A 274 -2.24 28.80 -8.76
CA GLY A 274 -0.93 28.40 -9.27
C GLY A 274 -0.33 29.45 -10.18
N SER A 275 0.69 29.06 -10.95
CA SER A 275 1.28 29.97 -11.92
C SER A 275 1.59 29.34 -13.27
N VAL A 276 0.96 28.21 -13.58
CA VAL A 276 1.17 27.58 -14.88
C VAL A 276 -0.17 27.10 -15.42
N ALA A 277 -0.21 26.77 -16.70
CA ALA A 277 -1.41 26.26 -17.34
C ALA A 277 -1.71 24.84 -16.86
N GLY A 278 -2.91 24.37 -17.14
CA GLY A 278 -3.30 22.98 -16.96
C GLY A 278 -3.69 22.52 -15.57
N LEU A 279 -3.68 23.44 -14.62
CA LEU A 279 -3.97 23.12 -13.22
C LEU A 279 -5.37 22.51 -13.00
N GLU A 280 -6.29 22.81 -13.90
CA GLU A 280 -7.64 22.29 -13.81
C GLU A 280 -7.66 20.77 -13.97
N LYS A 281 -6.58 20.21 -14.51
CA LYS A 281 -6.44 18.77 -14.70
C LYS A 281 -6.06 18.07 -13.41
N THR A 282 -5.66 18.85 -12.40
CA THR A 282 -5.42 18.27 -11.09
C THR A 282 -6.75 18.18 -10.32
N ILE A 283 -6.77 17.35 -9.29
CA ILE A 283 -8.02 16.97 -8.62
C ILE A 283 -8.06 17.45 -7.19
N ARG A 284 -9.16 18.08 -6.82
CA ARG A 284 -9.39 18.43 -5.44
C ARG A 284 -10.60 17.70 -4.88
N ILE A 285 -10.49 17.29 -3.64
CA ILE A 285 -11.63 16.72 -2.95
C ILE A 285 -11.94 17.60 -1.74
N TRP A 286 -13.11 18.23 -1.77
CA TRP A 286 -13.56 19.12 -0.70
C TRP A 286 -14.64 18.41 0.11
N PRO A 287 -14.55 18.46 1.45
CA PRO A 287 -15.48 17.73 2.33
C PRO A 287 -16.92 18.25 2.23
N HIS A 288 -17.09 19.52 1.90
CA HIS A 288 -18.42 20.09 1.81
C HIS A 288 -19.08 19.83 0.45
N LYS A 289 -18.31 19.25 -0.47
CA LYS A 289 -18.67 19.21 -1.88
C LYS A 289 -18.65 17.77 -2.40
N ASP A 290 -17.57 17.07 -2.08
CA ASP A 290 -17.31 15.74 -2.61
C ASP A 290 -17.39 14.73 -1.48
N GLN A 291 -17.14 13.47 -1.82
CA GLN A 291 -17.10 12.43 -0.80
C GLN A 291 -15.70 12.37 -0.20
N GLY A 292 -15.62 12.09 1.10
CA GLY A 292 -14.34 11.92 1.75
C GLY A 292 -13.79 13.15 2.46
N GLU A 293 -12.60 12.97 3.03
CA GLU A 293 -12.04 13.92 3.97
C GLU A 293 -11.36 15.15 3.35
N GLY A 294 -10.70 14.96 2.22
CA GLY A 294 -9.96 16.04 1.62
C GLY A 294 -8.62 15.57 1.11
N HIS A 295 -8.40 15.79 -0.18
CA HIS A 295 -7.17 15.37 -0.84
C HIS A 295 -6.89 16.24 -2.05
N PHE A 296 -5.62 16.32 -2.40
CA PHE A 296 -5.18 16.89 -3.65
C PHE A 296 -4.37 15.83 -4.38
N VAL A 297 -4.61 15.64 -5.68
CA VAL A 297 -3.81 14.73 -6.48
C VAL A 297 -3.48 15.29 -7.85
N ALA A 298 -2.28 15.00 -8.32
CA ALA A 298 -1.85 15.41 -9.66
C ALA A 298 -1.04 14.29 -10.33
N LYS A 299 -1.23 14.13 -11.63
CA LYS A 299 -0.42 13.17 -12.39
C LYS A 299 0.39 13.90 -13.46
N LEU A 300 1.69 13.63 -13.51
CA LEU A 300 2.57 14.28 -14.48
C LEU A 300 3.41 13.28 -15.23
N THR A 301 3.82 13.64 -16.43
CA THR A 301 4.77 12.87 -17.20
C THR A 301 6.12 13.58 -17.25
N PHE A 302 7.18 12.84 -16.99
CA PHE A 302 8.54 13.37 -17.06
C PHE A 302 9.14 13.09 -18.44
N HIS A 303 9.71 14.12 -19.07
CA HIS A 303 10.24 13.97 -20.42
C HIS A 303 11.75 14.10 -20.53
N GLY A 304 12.41 14.26 -19.39
CA GLY A 304 13.85 14.35 -19.37
C GLY A 304 14.48 12.98 -19.49
N GLN A 305 15.78 12.92 -19.27
CA GLN A 305 16.51 11.66 -19.34
C GLN A 305 17.50 11.64 -18.19
N ASN A 306 17.16 10.96 -17.11
CA ASN A 306 18.02 10.98 -15.93
C ASN A 306 19.32 10.19 -16.06
N GLN A 307 20.33 10.66 -15.33
CA GLN A 307 21.62 9.99 -15.22
C GLN A 307 21.46 8.56 -14.70
N HIS A 309 23.93 5.67 -13.58
CA HIS A 309 25.32 5.31 -13.34
C HIS A 309 25.43 4.06 -12.45
N LYS A 319 27.07 -16.46 1.88
CA LYS A 319 26.84 -15.64 0.70
C LYS A 319 25.35 -15.35 0.53
N VAL A 320 24.74 -15.95 -0.48
CA VAL A 320 23.34 -15.65 -0.78
C VAL A 320 22.67 -16.86 -1.42
N GLN A 321 23.45 -17.60 -2.22
CA GLN A 321 22.96 -18.84 -2.81
C GLN A 321 22.64 -19.85 -1.71
N THR A 323 22.63 -23.18 0.39
CA THR A 323 23.47 -24.31 0.74
C THR A 323 23.06 -25.53 -0.11
N LYS A 324 23.97 -26.48 -0.29
CA LYS A 324 23.66 -27.73 -1.01
C LYS A 324 22.46 -28.42 -0.38
N GLU A 325 22.48 -28.47 0.95
CA GLU A 325 21.42 -29.12 1.71
C GLU A 325 20.14 -28.27 1.67
N GLN A 326 20.32 -26.96 1.64
CA GLN A 326 19.19 -26.05 1.57
C GLN A 326 18.51 -26.20 0.23
N GLU A 327 19.31 -26.33 -0.82
CA GLU A 327 18.81 -26.67 -2.14
C GLU A 327 17.95 -27.93 -2.05
N LYS A 328 18.49 -28.96 -1.40
CA LYS A 328 17.78 -30.22 -1.30
C LYS A 328 16.48 -30.00 -0.55
N LEU A 329 16.59 -29.48 0.66
CA LEU A 329 15.44 -29.19 1.50
C LEU A 329 14.30 -28.47 0.76
N TRP A 330 14.62 -27.37 0.07
CA TRP A 330 13.59 -26.55 -0.59
C TRP A 330 12.96 -27.28 -1.75
N THR A 331 13.77 -28.07 -2.44
CA THR A 331 13.27 -28.77 -3.61
C THR A 331 12.26 -29.82 -3.19
N GLU A 332 12.55 -30.50 -2.09
CA GLU A 332 11.60 -31.46 -1.53
C GLU A 332 10.27 -30.74 -1.32
N PHE A 333 10.28 -29.74 -0.44
CA PHE A 333 9.05 -29.03 -0.12
C PHE A 333 8.33 -28.53 -1.36
N SER A 334 9.06 -27.88 -2.24
CA SER A 334 8.43 -27.24 -3.39
C SER A 334 7.83 -28.29 -4.32
N ASN A 335 8.32 -29.51 -4.18
CA ASN A 335 7.85 -30.61 -5.02
C ASN A 335 6.51 -31.15 -4.55
N ASP A 336 6.41 -31.57 -3.29
CA ASP A 336 5.16 -32.11 -2.80
C ASP A 336 4.13 -31.02 -2.48
N PHE A 337 4.58 -29.77 -2.46
CA PHE A 337 3.63 -28.69 -2.27
C PHE A 337 3.30 -28.04 -3.62
N HIS A 338 4.00 -28.45 -4.67
CA HIS A 338 3.71 -27.99 -6.04
C HIS A 338 3.72 -26.47 -6.20
N TYR A 339 4.76 -25.85 -5.67
CA TYR A 339 5.06 -24.44 -5.97
C TYR A 339 6.42 -24.36 -6.68
N GLU A 340 6.49 -23.55 -7.73
CA GLU A 340 7.75 -23.32 -8.43
C GLU A 340 8.08 -21.83 -8.47
N ALA A 341 9.29 -21.48 -8.05
CA ALA A 341 9.72 -20.09 -7.93
C ALA A 341 9.88 -19.42 -9.29
N THR A 342 9.58 -18.13 -9.35
CA THR A 342 9.75 -17.35 -10.57
C THR A 342 10.96 -16.38 -10.51
N GLY A 343 11.17 -15.74 -9.36
CA GLY A 343 12.31 -14.85 -9.20
C GLY A 343 13.54 -15.59 -8.70
N ARG A 344 14.56 -14.85 -8.28
CA ARG A 344 15.80 -15.46 -7.79
C ARG A 344 15.67 -15.88 -6.34
N LEU A 345 16.27 -17.01 -5.99
CA LEU A 345 16.19 -17.48 -4.60
C LEU A 345 17.42 -17.11 -3.80
N LEU A 346 17.24 -16.30 -2.77
CA LEU A 346 18.34 -15.87 -1.92
C LEU A 346 18.05 -16.22 -0.47
N VAL A 347 19.11 -16.41 0.31
CA VAL A 347 18.97 -16.66 1.74
C VAL A 347 19.71 -15.61 2.56
N PHE A 348 19.03 -15.07 3.57
CA PHE A 348 19.66 -14.21 4.57
C PHE A 348 19.13 -14.66 5.93
N ASN A 349 20.02 -14.99 6.86
CA ASN A 349 19.59 -15.44 8.18
C ASN A 349 18.70 -16.68 8.14
N ASP A 350 18.92 -17.54 7.14
CA ASP A 350 18.16 -18.76 6.96
C ASP A 350 16.74 -18.51 6.45
N HIS A 351 16.45 -17.24 6.16
CA HIS A 351 15.22 -16.86 5.51
C HIS A 351 15.39 -17.03 4.01
N LEU A 352 14.53 -17.85 3.39
CA LEU A 352 14.52 -18.00 1.94
C LEU A 352 13.61 -16.96 1.30
N TRP A 353 14.12 -16.22 0.32
CA TRP A 353 13.37 -15.17 -0.33
C TRP A 353 13.34 -15.41 -1.81
N GLU A 354 12.23 -15.02 -2.43
CA GLU A 354 12.17 -15.05 -3.87
C GLU A 354 12.06 -13.62 -4.31
N VAL A 355 13.07 -13.15 -5.02
CA VAL A 355 13.21 -11.74 -5.36
C VAL A 355 12.96 -11.52 -6.84
N PRO A 356 12.18 -10.49 -7.19
CA PRO A 356 11.88 -10.24 -8.59
C PRO A 356 13.14 -10.00 -9.38
N GLU A 357 13.11 -10.37 -10.65
CA GLU A 357 14.29 -10.27 -11.47
C GLU A 357 14.61 -8.80 -11.72
N LEU A 358 13.59 -7.96 -11.60
CA LEU A 358 13.71 -6.52 -11.85
C LEU A 358 14.47 -5.80 -10.75
N ALA A 359 14.58 -6.43 -9.58
CA ALA A 359 15.29 -5.78 -8.48
C ALA A 359 16.73 -5.51 -8.91
N PRO A 360 17.22 -4.30 -8.65
CA PRO A 360 18.64 -4.03 -8.87
C PRO A 360 19.41 -4.68 -7.74
N SER A 361 20.70 -4.41 -7.64
CA SER A 361 21.42 -4.87 -6.47
C SER A 361 20.94 -4.09 -5.26
N LEU A 362 20.70 -4.78 -4.17
CA LEU A 362 20.20 -4.13 -2.97
C LEU A 362 21.30 -3.86 -1.94
N ASP A 363 22.54 -4.20 -2.29
CA ASP A 363 23.66 -3.91 -1.40
C ASP A 363 23.67 -2.43 -1.05
N GLY A 364 23.71 -2.12 0.25
CA GLY A 364 23.73 -0.74 0.69
C GLY A 364 22.34 -0.20 0.98
N LEU A 365 21.32 -1.03 0.79
CA LEU A 365 19.96 -0.62 1.09
C LEU A 365 19.47 -1.21 2.41
N LYS A 366 18.72 -0.41 3.16
CA LYS A 366 17.97 -0.95 4.30
C LYS A 366 16.68 -1.59 3.76
N VAL A 367 16.67 -2.90 3.65
CA VAL A 367 15.54 -3.62 3.09
C VAL A 367 14.87 -4.47 4.15
N VAL A 368 13.63 -4.10 4.48
CA VAL A 368 12.82 -4.78 5.48
C VAL A 368 12.13 -6.02 4.90
N ARG A 369 11.91 -5.98 3.60
CA ARG A 369 11.24 -7.09 2.93
C ARG A 369 11.76 -7.21 1.50
N THR A 370 12.25 -8.40 1.14
CA THR A 370 12.89 -8.59 -0.15
C THR A 370 12.13 -9.58 -1.03
N GLY A 371 10.99 -9.15 -1.58
CA GLY A 371 10.19 -10.03 -2.41
C GLY A 371 9.28 -10.95 -1.60
N LEU A 372 9.20 -12.21 -2.03
CA LEU A 372 8.34 -13.16 -1.33
C LEU A 372 9.16 -14.00 -0.37
N HIS A 373 8.81 -13.91 0.90
CA HIS A 373 9.40 -14.75 1.93
C HIS A 373 8.80 -16.16 1.83
N LEU A 374 9.62 -17.13 1.42
CA LEU A 374 9.13 -18.48 1.14
C LEU A 374 9.08 -19.35 2.40
N GLY A 375 10.06 -19.17 3.29
CA GLY A 375 10.12 -19.92 4.53
C GLY A 375 11.49 -19.82 5.19
N ASP A 376 11.66 -20.58 6.27
CA ASP A 376 12.90 -20.58 7.05
C ASP A 376 13.50 -21.96 7.16
N PHE A 377 14.81 -22.02 7.02
CA PHE A 377 15.54 -23.25 7.28
C PHE A 377 15.82 -23.34 8.76
N LYS A 378 15.73 -24.55 9.31
CA LYS A 378 16.10 -24.77 10.69
C LYS A 378 16.92 -26.04 10.81
N LYS A 379 16.85 -26.67 11.98
CA LYS A 379 17.55 -27.93 12.23
C LYS A 379 17.12 -29.00 11.23
N ASN A 380 17.95 -29.21 10.21
CA ASN A 380 17.70 -30.22 9.17
C ASN A 380 16.35 -30.13 8.49
N ARG A 381 15.79 -28.92 8.41
CA ARG A 381 14.43 -28.76 7.90
C ARG A 381 14.17 -27.40 7.25
N PHE A 382 13.22 -27.39 6.32
CA PHE A 382 12.69 -26.15 5.78
C PHE A 382 11.24 -25.97 6.22
N GLU A 383 10.90 -24.76 6.68
CA GLU A 383 9.56 -24.46 7.12
C GLU A 383 8.95 -23.35 6.26
N PRO A 384 7.80 -23.64 5.63
CA PRO A 384 7.14 -22.68 4.74
C PRO A 384 6.62 -21.50 5.57
N SER A 385 6.47 -20.35 4.94
CA SER A 385 6.13 -19.14 5.67
C SER A 385 4.66 -18.74 5.59
N TYR A 386 4.27 -17.87 6.51
CA TYR A 386 2.99 -17.20 6.52
C TYR A 386 2.81 -16.44 5.22
N ALA A 387 3.87 -15.75 4.78
CA ALA A 387 3.80 -14.96 3.56
C ALA A 387 3.39 -15.82 2.37
N LEU A 388 4.01 -16.99 2.24
CA LEU A 388 3.75 -17.88 1.13
C LEU A 388 2.30 -18.35 1.15
N ALA A 389 1.84 -18.79 2.32
CA ALA A 389 0.44 -19.14 2.51
C ALA A 389 -0.49 -18.04 1.98
N LEU A 390 -0.25 -16.80 2.39
CA LEU A 390 -1.11 -15.67 2.04
C LEU A 390 -0.92 -15.11 0.62
N ALA A 391 0.08 -15.63 -0.10
CA ALA A 391 0.29 -15.28 -1.52
C ALA A 391 -0.19 -16.38 -2.45
N THR A 392 -0.85 -17.39 -1.89
CA THR A 392 -1.32 -18.49 -2.72
C THR A 392 -2.49 -18.01 -3.55
N LYS A 393 -2.47 -18.28 -4.84
CA LYS A 393 -3.58 -17.89 -5.69
C LYS A 393 -4.37 -19.10 -6.22
N LYS A 394 -3.71 -20.24 -6.32
CA LYS A 394 -4.27 -21.39 -7.00
C LYS A 394 -4.40 -22.52 -5.99
N ILE A 395 -5.59 -22.66 -5.45
CA ILE A 395 -5.81 -23.57 -4.33
C ILE A 395 -5.99 -25.03 -4.79
N GLU A 396 -6.32 -25.22 -6.06
CA GLU A 396 -6.50 -26.57 -6.60
C GLU A 396 -5.18 -27.34 -6.70
N ASN A 397 -4.07 -26.61 -6.65
CA ASN A 397 -2.78 -27.14 -7.02
C ASN A 397 -1.93 -27.62 -5.84
N ILE A 398 -2.31 -27.25 -4.63
CA ILE A 398 -1.49 -27.54 -3.45
C ILE A 398 -2.27 -28.30 -2.40
N PRO A 399 -1.56 -28.99 -1.48
CA PRO A 399 -2.18 -29.70 -0.37
C PRO A 399 -2.89 -28.74 0.58
N CYS A 400 -4.20 -28.93 0.71
CA CYS A 400 -5.04 -28.06 1.49
C CYS A 400 -5.75 -28.82 2.59
N LEU A 401 -5.97 -28.15 3.71
CA LEU A 401 -6.77 -28.73 4.79
C LEU A 401 -7.85 -27.70 5.12
N PRO A 402 -9.05 -27.91 4.58
CA PRO A 402 -10.20 -27.04 4.87
C PRO A 402 -10.49 -27.01 6.38
N ILE A 403 -10.79 -25.84 6.92
CA ILE A 403 -11.09 -25.70 8.33
C ILE A 403 -12.40 -24.94 8.51
N THR A 404 -12.93 -24.97 9.74
CA THR A 404 -14.17 -24.30 10.11
C THR A 404 -13.80 -22.97 10.76
N GLN A 405 -14.77 -22.12 11.07
CA GLN A 405 -14.41 -20.85 11.70
C GLN A 405 -13.91 -21.05 13.13
N LYS A 406 -14.52 -21.99 13.85
CA LYS A 406 -14.06 -22.36 15.19
C LYS A 406 -12.60 -22.78 15.19
N GLU A 407 -12.24 -23.61 14.21
CA GLU A 407 -10.85 -23.98 14.03
C GLU A 407 -10.00 -22.77 13.66
N TRP A 408 -10.56 -21.88 12.83
CA TRP A 408 -9.87 -20.61 12.58
C TRP A 408 -9.59 -19.86 13.90
N GLN A 409 -10.61 -19.76 14.75
CA GLN A 409 -10.44 -19.15 16.08
C GLN A 409 -9.26 -19.76 16.84
N SER A 410 -9.25 -21.09 16.95
CA SER A 410 -8.19 -21.82 17.66
C SER A 410 -6.84 -21.58 17.02
N TYR A 411 -6.83 -21.60 15.69
CA TYR A 411 -5.60 -21.38 14.94
C TYR A 411 -4.99 -20.01 15.19
N THR A 412 -5.79 -18.95 15.05
CA THR A 412 -5.26 -17.60 15.28
C THR A 412 -4.95 -17.33 16.77
N ALA A 413 -5.54 -18.12 17.66
CA ALA A 413 -5.16 -18.11 19.07
C ALA A 413 -3.82 -18.80 19.29
N GLY A 414 -3.42 -19.64 18.34
CA GLY A 414 -2.14 -20.30 18.40
C GLY A 414 -2.26 -21.76 18.83
N GLU A 415 -3.49 -22.23 18.93
CA GLU A 415 -3.73 -23.59 19.40
C GLU A 415 -3.79 -24.62 18.29
N THR A 416 -3.37 -25.84 18.63
CA THR A 416 -3.51 -26.97 17.74
C THR A 416 -4.99 -27.32 17.67
N PHE A 417 -5.40 -27.95 16.59
CA PHE A 417 -6.72 -28.59 16.52
C PHE A 417 -6.55 -29.98 15.91
N GLN A 418 -7.60 -30.76 15.89
CA GLN A 418 -7.48 -32.16 15.51
C GLN A 418 -8.04 -32.45 14.13
N ARG A 419 -7.29 -33.19 13.32
CA ARG A 419 -7.77 -33.64 12.02
C ARG A 419 -7.07 -34.95 11.61
N ASP A 420 -7.87 -35.99 11.42
CA ASP A 420 -7.31 -37.28 11.09
C ASP A 420 -6.41 -37.23 9.86
N GLY A 421 -5.21 -37.79 9.98
CA GLY A 421 -4.26 -37.84 8.89
C GLY A 421 -2.85 -37.44 9.28
N ASN A 422 -1.93 -37.55 8.34
CA ASN A 422 -0.49 -37.35 8.58
C ASN A 422 0.21 -36.69 7.40
N GLN A 423 -0.42 -35.65 6.86
CA GLN A 423 -0.06 -35.12 5.55
C GLN A 423 1.11 -34.11 5.57
N GLY A 424 1.56 -33.70 6.75
CA GLY A 424 2.65 -32.75 6.83
C GLY A 424 2.18 -31.32 6.57
N TRP A 425 3.00 -30.54 5.86
CA TRP A 425 2.69 -29.13 5.58
C TRP A 425 1.42 -28.97 4.78
N VAL A 426 0.47 -28.23 5.34
CA VAL A 426 -0.81 -28.04 4.67
C VAL A 426 -1.23 -26.60 4.74
N LEU A 427 -1.83 -26.11 3.66
CA LEU A 427 -2.42 -24.78 3.63
C LEU A 427 -3.80 -24.86 4.27
N LEU A 428 -3.99 -24.18 5.38
CA LEU A 428 -5.32 -24.08 5.99
C LEU A 428 -6.20 -23.15 5.18
N VAL A 429 -7.39 -23.61 4.82
CA VAL A 429 -8.29 -22.83 3.97
C VAL A 429 -9.69 -22.74 4.59
N LEU A 430 -10.15 -21.52 4.81
CA LEU A 430 -11.49 -21.26 5.32
C LEU A 430 -12.41 -20.91 4.15
N ASP A 431 -13.30 -21.84 3.82
CA ASP A 431 -14.13 -21.71 2.63
C ASP A 431 -13.23 -21.66 1.41
N LYS A 432 -12.85 -20.45 0.99
CA LYS A 432 -11.89 -20.30 -0.11
C LYS A 432 -10.69 -19.43 0.28
N ILE A 433 -10.63 -19.09 1.57
CA ILE A 433 -9.60 -18.17 2.06
C ILE A 433 -8.42 -18.92 2.67
N PRO A 434 -7.23 -18.76 2.07
CA PRO A 434 -6.01 -19.32 2.65
C PRO A 434 -5.63 -18.50 3.88
N VAL A 435 -5.59 -19.12 5.05
CA VAL A 435 -5.34 -18.36 6.25
C VAL A 435 -3.96 -18.58 6.85
N GLY A 436 -3.19 -19.52 6.30
CA GLY A 436 -1.89 -19.85 6.87
C GLY A 436 -1.50 -21.31 6.73
N PHE A 437 -0.28 -21.65 7.16
CA PHE A 437 0.16 -23.05 7.18
C PHE A 437 -0.12 -23.75 8.51
N GLY A 438 -0.54 -25.01 8.42
CA GLY A 438 -0.48 -25.92 9.54
C GLY A 438 0.43 -27.07 9.16
N LYS A 439 0.80 -27.90 10.13
CA LYS A 439 1.54 -29.10 9.81
C LYS A 439 0.86 -30.31 10.47
N GLN A 440 0.16 -31.08 9.64
CA GLN A 440 -0.59 -32.20 10.15
C GLN A 440 0.32 -33.40 10.47
N VAL A 441 0.48 -33.65 11.76
CA VAL A 441 1.38 -34.68 12.24
C VAL A 441 0.63 -35.64 13.16
N LYS A 442 0.26 -36.80 12.62
CA LYS A 442 -0.38 -37.85 13.41
C LYS A 442 -1.73 -37.44 14.00
N GLY A 443 -2.58 -36.82 13.18
CA GLY A 443 -3.97 -36.60 13.55
C GLY A 443 -4.23 -35.26 14.21
N THR A 444 -3.18 -34.52 14.50
CA THR A 444 -3.35 -33.19 15.03
C THR A 444 -2.60 -32.17 14.16
N VAL A 445 -3.27 -31.07 13.83
CA VAL A 445 -2.66 -30.00 13.06
C VAL A 445 -1.84 -29.07 13.97
N LYS A 446 -0.52 -29.04 13.77
CA LYS A 446 0.35 -28.20 14.56
C LYS A 446 0.35 -26.76 14.05
N ASN A 447 0.61 -25.82 14.95
CA ASN A 447 0.30 -24.43 14.68
C ASN A 447 1.44 -23.58 14.16
N PHE A 448 1.27 -23.00 12.98
CA PHE A 448 2.25 -22.09 12.43
C PHE A 448 1.72 -20.71 12.10
N PHE A 449 0.69 -20.30 12.84
CA PHE A 449 0.29 -18.91 12.82
C PHE A 449 1.35 -18.12 13.58
N PRO A 450 1.95 -17.11 12.93
CA PRO A 450 3.05 -16.37 13.54
C PRO A 450 2.72 -15.95 14.97
N LYS A 451 3.66 -16.21 15.89
CA LYS A 451 3.44 -15.98 17.32
C LYS A 451 3.06 -14.53 17.61
N GLY A 452 3.65 -13.62 16.83
CA GLY A 452 3.42 -12.20 17.03
C GLY A 452 2.03 -11.72 16.63
N LEU A 453 1.23 -12.63 16.08
CA LEU A 453 -0.11 -12.25 15.59
C LEU A 453 -1.26 -12.88 16.37
N ARG A 454 -0.96 -13.81 17.28
CA ARG A 454 -2.00 -14.58 17.96
C ARG A 454 -2.91 -13.72 18.86
N PHE A 455 -4.16 -14.16 19.06
CA PHE A 455 -5.10 -13.48 19.95
C PHE A 455 -5.31 -14.25 21.25
#